data_6BWH
#
_entry.id   6BWH
#
_cell.length_a   66.170
_cell.length_b   110.441
_cell.length_c   165.906
_cell.angle_alpha   90.00
_cell.angle_beta   90.00
_cell.angle_gamma   90.00
#
_symmetry.space_group_name_H-M   'C 2 2 21'
#
loop_
_entity.id
_entity.type
_entity.pdbx_description
1 polymer '2-phospho-L-lactate guanylyltransferase'
2 non-polymer PHOSPHOENOLPYRUVATE
3 non-polymer 'MAGNESIUM ION'
4 water water
#
_entity_poly.entity_id   1
_entity_poly.type   'polypeptide(L)'
_entity_poly.pdbx_seq_one_letter_code
;(MSE)GSSHHHHHHSQDPVSGTPDDGDIGLIIAVKRLAAAKTRLAPVFSAQTRENVVLA(MSE)LVDTLTAAAGVGSLRS
ITVITPDEAAAAAAAGLGADVLADPTPEDDPDPLNTAITAAERVVAEGASNIVVLQGDLPALQTQELAEAISAARHHRRS
FVADRLGTGTAVLCAFGTALHPRFGPDSSARHRRSGAVELTGAWPGLRCDVDTPADLTAARQLGVGPATARAVAHR
;
_entity_poly.pdbx_strand_id   A,B,C
#
loop_
_chem_comp.id
_chem_comp.type
_chem_comp.name
_chem_comp.formula
MG non-polymer 'MAGNESIUM ION' 'Mg 2'
PEP non-polymer PHOSPHOENOLPYRUVATE 'C3 H5 O6 P'
#
# COMPACT_ATOMS: atom_id res chain seq x y z
N ASP A 21 -20.62 10.81 23.26
CA ASP A 21 -20.12 10.08 24.48
C ASP A 21 -19.02 9.08 24.06
N GLY A 22 -19.36 8.21 23.11
CA GLY A 22 -18.46 7.15 22.61
C GLY A 22 -18.50 5.91 23.50
N ASP A 23 -18.32 4.74 22.88
CA ASP A 23 -18.49 3.47 23.60
C ASP A 23 -17.18 2.69 23.78
N ILE A 24 -16.07 3.10 23.12
CA ILE A 24 -14.81 2.31 23.14
C ILE A 24 -13.80 2.92 24.12
N GLY A 25 -13.22 2.07 24.97
CA GLY A 25 -12.12 2.45 25.85
C GLY A 25 -10.79 2.00 25.27
N LEU A 26 -9.96 2.97 24.81
CA LEU A 26 -8.68 2.68 24.06
C LEU A 26 -7.49 2.65 25.02
N ILE A 27 -6.68 1.61 24.86
CA ILE A 27 -5.52 1.39 25.70
C ILE A 27 -4.29 1.49 24.79
N ILE A 28 -3.28 2.21 25.26
CA ILE A 28 -1.92 2.08 24.73
C ILE A 28 -0.93 1.86 25.88
N ALA A 29 -0.10 0.82 25.69
CA ALA A 29 0.95 0.38 26.60
C ALA A 29 2.27 0.88 26.02
N VAL A 30 3.10 1.55 26.83
CA VAL A 30 4.36 2.15 26.37
C VAL A 30 5.48 1.71 27.31
N LYS A 31 6.48 1.00 26.77
CA LYS A 31 7.63 0.52 27.58
C LYS A 31 8.52 1.73 27.93
N ARG A 32 9.61 1.52 28.67
CA ARG A 32 10.63 2.55 28.96
C ARG A 32 11.31 3.01 27.67
N LEU A 33 11.53 4.33 27.60
CA LEU A 33 12.01 4.92 26.39
C LEU A 33 13.48 4.50 26.20
N ALA A 34 14.22 4.40 27.31
CA ALA A 34 15.61 3.93 27.31
C ALA A 34 15.72 2.57 26.58
N ALA A 35 14.75 1.68 26.86
CA ALA A 35 14.74 0.29 26.36
C ALA A 35 14.23 0.21 24.91
N ALA A 36 13.67 1.31 24.40
CA ALA A 36 12.76 1.24 23.25
C ALA A 36 13.51 1.36 21.92
N LYS A 37 13.12 0.52 20.93
CA LYS A 37 13.42 0.69 19.47
C LYS A 37 14.93 0.79 19.26
N THR A 38 15.65 -0.20 19.82
CA THR A 38 17.12 -0.35 19.73
C THR A 38 17.52 -0.60 18.26
N ARG A 39 16.71 -1.34 17.52
CA ARG A 39 16.91 -1.49 16.08
C ARG A 39 16.87 -0.13 15.33
N LEU A 40 16.51 0.95 16.01
CA LEU A 40 16.72 2.27 15.43
C LEU A 40 18.07 2.89 15.88
N ALA A 41 18.88 2.16 16.66
CA ALA A 41 20.16 2.73 17.16
C ALA A 41 21.08 3.18 16.02
N PRO A 42 21.16 2.45 14.89
CA PRO A 42 22.02 2.90 13.78
C PRO A 42 21.76 4.30 13.22
N VAL A 43 20.50 4.66 13.08
CA VAL A 43 20.13 5.89 12.37
C VAL A 43 19.98 7.09 13.34
N PHE A 44 20.08 6.85 14.66
CA PHE A 44 19.74 7.87 15.68
C PHE A 44 20.49 7.61 16.98
N SER A 45 20.97 8.72 17.58
CA SER A 45 21.61 8.75 18.89
C SER A 45 20.56 8.56 19.98
N ALA A 46 21.01 8.22 21.19
CA ALA A 46 20.15 7.84 22.30
C ALA A 46 19.01 8.85 22.48
N GLN A 47 19.32 10.14 22.59
CA GLN A 47 18.30 11.10 22.96
C GLN A 47 17.33 11.31 21.80
N THR A 48 17.86 11.33 20.58
CA THR A 48 17.03 11.36 19.38
C THR A 48 16.13 10.12 19.22
N ARG A 49 16.60 8.95 19.68
CA ARG A 49 15.84 7.72 19.56
C ARG A 49 14.62 7.83 20.49
N GLU A 50 14.83 8.36 21.70
CA GLU A 50 13.81 8.41 22.72
C GLU A 50 12.73 9.37 22.26
N ASN A 51 13.20 10.48 21.67
CA ASN A 51 12.38 11.57 21.19
C ASN A 51 11.44 11.12 20.09
N VAL A 52 12.02 10.43 19.10
CA VAL A 52 11.28 9.81 17.97
C VAL A 52 10.28 8.77 18.52
N VAL A 53 10.70 7.94 19.45
CA VAL A 53 9.79 7.00 20.04
C VAL A 53 8.59 7.75 20.65
N LEU A 54 8.91 8.83 21.41
CA LEU A 54 7.94 9.59 22.16
C LEU A 54 7.02 10.35 21.19
N ALA A 55 7.61 10.82 20.09
CA ALA A 55 6.80 11.57 19.15
C ALA A 55 5.90 10.63 18.34
N MSE A 56 6.32 9.37 18.14
CA MSE A 56 5.47 8.40 17.44
C MSE A 56 4.19 8.06 18.25
O MSE A 56 3.05 8.06 17.78
CB MSE A 56 6.36 7.21 17.19
CG MSE A 56 7.36 7.51 16.07
SE MSE A 56 7.96 5.78 15.24
CE MSE A 56 9.08 4.87 16.54
N LEU A 57 4.38 7.90 19.53
CA LEU A 57 3.23 7.87 20.44
C LEU A 57 2.35 9.14 20.31
N VAL A 58 2.96 10.35 20.34
CA VAL A 58 2.17 11.62 20.17
C VAL A 58 1.36 11.59 18.88
N ASP A 59 1.99 11.32 17.74
CA ASP A 59 1.27 11.28 16.50
C ASP A 59 0.19 10.17 16.55
N THR A 60 0.49 9.05 17.24
CA THR A 60 -0.48 7.87 17.31
C THR A 60 -1.71 8.28 18.14
N LEU A 61 -1.45 8.78 19.37
CA LEU A 61 -2.50 9.34 20.21
C LEU A 61 -3.30 10.37 19.42
N THR A 62 -2.61 11.29 18.74
CA THR A 62 -3.31 12.46 18.20
C THR A 62 -4.38 11.99 17.25
N ALA A 63 -4.03 11.06 16.35
CA ALA A 63 -4.89 10.60 15.30
C ALA A 63 -5.95 9.68 15.88
N ALA A 64 -5.54 8.85 16.85
CA ALA A 64 -6.51 8.02 17.59
C ALA A 64 -7.65 8.91 18.15
N ALA A 65 -7.26 10.07 18.72
CA ALA A 65 -8.14 11.01 19.46
C ALA A 65 -9.23 11.60 18.57
N GLY A 66 -9.02 11.69 17.25
CA GLY A 66 -10.09 12.08 16.38
C GLY A 66 -11.13 11.00 16.16
N VAL A 67 -10.99 9.80 16.73
CA VAL A 67 -11.99 8.77 16.42
C VAL A 67 -13.21 8.98 17.33
N GLY A 68 -14.37 9.04 16.66
CA GLY A 68 -15.66 9.41 17.23
C GLY A 68 -16.18 8.36 18.19
N SER A 69 -16.01 7.07 17.84
CA SER A 69 -16.48 5.96 18.66
C SER A 69 -15.68 5.81 19.97
N LEU A 70 -14.70 6.67 20.30
CA LEU A 70 -13.88 6.47 21.51
C LEU A 70 -14.50 7.24 22.69
N ARG A 71 -14.46 6.64 23.88
CA ARG A 71 -14.91 7.24 25.19
C ARG A 71 -13.71 7.74 26.01
N SER A 72 -12.53 7.20 25.75
CA SER A 72 -11.38 7.37 26.59
C SER A 72 -10.17 6.77 25.88
N ILE A 73 -9.01 7.35 26.20
CA ILE A 73 -7.72 6.88 25.83
C ILE A 73 -6.90 6.75 27.10
N THR A 74 -6.44 5.53 27.34
CA THR A 74 -5.63 5.28 28.50
C THR A 74 -4.26 4.86 28.04
N VAL A 75 -3.26 5.49 28.61
CA VAL A 75 -1.92 5.09 28.33
C VAL A 75 -1.37 4.53 29.62
N ILE A 76 -0.77 3.36 29.55
CA ILE A 76 -0.12 2.73 30.72
C ILE A 76 1.38 2.62 30.42
N THR A 77 2.20 3.00 31.39
CA THR A 77 3.59 3.21 31.14
C THR A 77 4.32 3.41 32.46
N PRO A 78 5.56 2.88 32.60
CA PRO A 78 6.43 3.23 33.71
C PRO A 78 7.35 4.43 33.49
N ASP A 79 7.22 5.12 32.35
CA ASP A 79 8.17 6.12 31.87
C ASP A 79 7.52 7.49 32.03
N GLU A 80 8.02 8.27 32.99
CA GLU A 80 7.55 9.57 33.39
C GLU A 80 7.56 10.61 32.26
N ALA A 81 8.43 10.46 31.26
CA ALA A 81 8.35 11.38 30.09
C ALA A 81 7.16 11.03 29.21
N ALA A 82 6.92 9.73 29.01
CA ALA A 82 5.79 9.30 28.21
C ALA A 82 4.48 9.59 28.97
N ALA A 83 4.52 9.42 30.28
CA ALA A 83 3.38 9.77 31.15
C ALA A 83 2.98 11.26 30.91
N ALA A 84 3.95 12.16 31.01
CA ALA A 84 3.74 13.61 30.91
C ALA A 84 3.13 13.99 29.58
N ALA A 85 3.64 13.36 28.50
CA ALA A 85 3.27 13.66 27.14
C ALA A 85 1.87 13.17 26.87
N ALA A 86 1.56 11.93 27.30
CA ALA A 86 0.19 11.44 27.09
C ALA A 86 -0.82 12.29 27.89
N ALA A 87 -0.45 12.69 29.10
CA ALA A 87 -1.29 13.47 30.00
C ALA A 87 -1.55 14.85 29.38
N GLY A 88 -0.50 15.36 28.71
CA GLY A 88 -0.48 16.64 28.09
C GLY A 88 -1.43 16.69 26.91
N LEU A 89 -1.77 15.53 26.34
CA LEU A 89 -2.66 15.51 25.20
C LEU A 89 -4.08 15.19 25.64
N GLY A 90 -4.30 15.04 26.96
CA GLY A 90 -5.64 14.84 27.53
C GLY A 90 -6.05 13.38 27.65
N ALA A 91 -5.07 12.48 27.80
CA ALA A 91 -5.30 11.03 27.98
C ALA A 91 -5.23 10.73 29.47
N ASP A 92 -5.87 9.63 29.87
CA ASP A 92 -5.58 9.07 31.19
C ASP A 92 -4.21 8.41 31.12
N VAL A 93 -3.48 8.41 32.20
CA VAL A 93 -2.18 7.72 32.30
C VAL A 93 -2.20 6.84 33.54
N LEU A 94 -1.99 5.53 33.36
CA LEU A 94 -1.73 4.65 34.51
C LEU A 94 -0.22 4.41 34.66
N ALA A 95 0.25 4.56 35.89
CA ALA A 95 1.56 4.06 36.25
C ALA A 95 1.57 2.54 36.07
N ASP A 96 2.54 2.01 35.32
CA ASP A 96 2.68 0.61 35.02
C ASP A 96 3.18 -0.14 36.25
N PRO A 97 2.33 -0.99 36.87
CA PRO A 97 2.76 -1.82 38.00
C PRO A 97 3.20 -3.23 37.61
N THR A 98 3.61 -3.47 36.35
CA THR A 98 4.26 -4.69 35.97
C THR A 98 5.56 -4.81 36.75
N PRO A 99 5.84 -5.96 37.41
CA PRO A 99 7.16 -6.23 38.01
C PRO A 99 8.39 -6.22 37.10
N GLU A 100 9.54 -5.96 37.71
CA GLU A 100 10.86 -5.97 37.07
C GLU A 100 11.07 -7.33 36.36
N ASP A 101 10.93 -8.42 37.09
CA ASP A 101 11.32 -9.72 36.56
C ASP A 101 10.08 -10.47 36.04
N ASP A 102 9.12 -9.73 35.45
CA ASP A 102 7.88 -10.31 34.95
C ASP A 102 8.24 -10.97 33.63
N PRO A 103 7.86 -12.24 33.41
CA PRO A 103 8.15 -12.89 32.15
C PRO A 103 7.46 -12.25 30.94
N ASP A 104 6.35 -11.53 31.10
CA ASP A 104 5.53 -11.16 29.89
C ASP A 104 5.03 -9.74 30.06
N PRO A 105 5.95 -8.74 30.13
CA PRO A 105 5.64 -7.40 30.62
C PRO A 105 4.60 -6.60 29.80
N LEU A 106 4.62 -6.79 28.49
CA LEU A 106 3.72 -6.05 27.58
C LEU A 106 2.26 -6.47 27.80
N ASN A 107 2.00 -7.79 27.81
CA ASN A 107 0.64 -8.31 27.95
C ASN A 107 0.15 -8.10 29.40
N THR A 108 1.06 -8.01 30.35
CA THR A 108 0.69 -7.76 31.74
C THR A 108 0.32 -6.30 31.98
N ALA A 109 1.06 -5.36 31.36
CA ALA A 109 0.66 -3.94 31.43
C ALA A 109 -0.72 -3.82 30.78
N ILE A 110 -0.91 -4.46 29.65
CA ILE A 110 -2.20 -4.31 28.93
C ILE A 110 -3.37 -4.81 29.79
N THR A 111 -3.17 -5.92 30.50
CA THR A 111 -4.24 -6.55 31.34
C THR A 111 -4.50 -5.67 32.56
N ALA A 112 -3.41 -5.10 33.09
CA ALA A 112 -3.53 -4.20 34.23
C ALA A 112 -4.40 -3.00 33.83
N ALA A 113 -4.18 -2.47 32.63
CA ALA A 113 -4.95 -1.36 32.08
C ALA A 113 -6.41 -1.76 31.80
N GLU A 114 -6.61 -2.95 31.19
CA GLU A 114 -7.94 -3.49 30.88
C GLU A 114 -8.82 -3.52 32.12
N ARG A 115 -8.24 -4.02 33.23
CA ARG A 115 -8.89 -4.16 34.52
C ARG A 115 -9.44 -2.81 34.95
N VAL A 116 -8.70 -1.73 34.70
CA VAL A 116 -9.17 -0.42 35.10
C VAL A 116 -10.21 0.03 34.07
N VAL A 117 -9.80 0.04 32.81
CA VAL A 117 -10.58 0.63 31.78
C VAL A 117 -11.98 -0.02 31.77
N ALA A 118 -12.05 -1.30 32.15
CA ALA A 118 -13.28 -2.07 32.00
C ALA A 118 -14.33 -1.67 33.05
N GLU A 119 -13.96 -0.95 34.11
CA GLU A 119 -14.96 -0.36 35.03
C GLU A 119 -15.79 0.70 34.28
N GLY A 120 -15.30 1.22 33.15
CA GLY A 120 -15.99 2.30 32.42
C GLY A 120 -16.29 2.00 30.95
N ALA A 121 -16.07 0.76 30.45
CA ALA A 121 -16.44 0.45 29.06
C ALA A 121 -16.51 -1.06 28.83
N SER A 122 -17.50 -1.44 28.02
CA SER A 122 -17.75 -2.83 27.69
C SER A 122 -16.85 -3.26 26.52
N ASN A 123 -16.42 -2.29 25.70
CA ASN A 123 -15.69 -2.50 24.43
C ASN A 123 -14.32 -1.81 24.53
N ILE A 124 -13.25 -2.60 24.44
CA ILE A 124 -11.88 -2.16 24.68
C ILE A 124 -11.01 -2.45 23.45
N VAL A 125 -10.19 -1.46 23.08
CA VAL A 125 -9.25 -1.56 21.94
C VAL A 125 -7.85 -1.26 22.48
N VAL A 126 -6.89 -2.15 22.18
CA VAL A 126 -5.45 -1.96 22.47
C VAL A 126 -4.80 -1.50 21.17
N LEU A 127 -4.08 -0.38 21.20
CA LEU A 127 -3.44 0.15 20.01
C LEU A 127 -1.93 0.24 20.25
N GLN A 128 -1.10 -0.19 19.29
CA GLN A 128 0.35 0.01 19.47
C GLN A 128 0.69 1.54 19.45
N GLY A 129 1.84 1.93 20.04
CA GLY A 129 2.22 3.34 20.24
C GLY A 129 3.21 3.86 19.20
N ASP A 130 3.37 3.10 18.12
CA ASP A 130 4.47 3.35 17.17
C ASP A 130 3.89 3.33 15.78
N LEU A 131 2.75 4.01 15.61
CA LEU A 131 2.04 4.08 14.39
C LEU A 131 1.98 5.51 13.85
N PRO A 132 3.12 6.16 13.60
CA PRO A 132 3.14 7.60 13.33
C PRO A 132 2.37 8.10 12.08
N ALA A 133 2.16 7.22 11.11
CA ALA A 133 1.40 7.55 9.94
C ALA A 133 -0.01 7.02 10.09
N LEU A 134 -0.47 6.88 11.35
CA LEU A 134 -1.89 6.52 11.57
C LEU A 134 -2.81 7.68 11.14
N GLN A 135 -3.86 7.40 10.40
CA GLN A 135 -4.94 8.36 10.14
C GLN A 135 -6.19 7.95 10.95
N THR A 136 -6.83 8.95 11.57
CA THR A 136 -8.11 8.85 12.30
C THR A 136 -9.10 7.92 11.58
N GLN A 137 -9.22 8.05 10.27
CA GLN A 137 -10.22 7.29 9.51
C GLN A 137 -9.84 5.80 9.46
N GLU A 138 -8.53 5.50 9.65
CA GLU A 138 -8.05 4.16 9.51
C GLU A 138 -8.47 3.42 10.77
N LEU A 139 -8.23 4.07 11.92
CA LEU A 139 -8.62 3.55 13.20
C LEU A 139 -10.15 3.39 13.23
N ALA A 140 -10.91 4.48 12.95
CA ALA A 140 -12.42 4.47 12.96
C ALA A 140 -12.95 3.28 12.15
N GLU A 141 -12.50 3.18 10.91
CA GLU A 141 -12.91 2.09 10.06
C GLU A 141 -12.66 0.75 10.79
N ALA A 142 -11.43 0.53 11.26
CA ALA A 142 -11.02 -0.73 11.87
C ALA A 142 -12.01 -1.09 12.98
N ILE A 143 -12.27 -0.11 13.85
CA ILE A 143 -13.21 -0.22 14.95
C ILE A 143 -14.61 -0.58 14.42
N SER A 144 -15.11 0.15 13.40
CA SER A 144 -16.43 -0.16 12.76
C SER A 144 -16.51 -1.62 12.29
N ALA A 145 -15.38 -2.20 11.87
CA ALA A 145 -15.38 -3.61 11.40
C ALA A 145 -15.25 -4.56 12.59
N ALA A 146 -14.55 -4.10 13.64
CA ALA A 146 -14.36 -4.92 14.85
C ALA A 146 -15.70 -5.20 15.55
N ARG A 147 -16.64 -4.24 15.44
CA ARG A 147 -17.96 -4.32 16.06
C ARG A 147 -18.73 -5.55 15.57
N HIS A 148 -18.45 -6.02 14.34
CA HIS A 148 -19.10 -7.19 13.77
C HIS A 148 -18.59 -8.50 14.40
N HIS A 149 -17.80 -8.44 15.47
CA HIS A 149 -17.23 -9.63 16.13
C HIS A 149 -16.98 -9.39 17.61
N ARG A 150 -16.68 -10.48 18.33
CA ARG A 150 -16.37 -10.40 19.74
C ARG A 150 -14.92 -9.91 19.88
N ARG A 151 -13.97 -10.75 19.42
CA ARG A 151 -12.55 -10.46 19.48
C ARG A 151 -11.99 -10.35 18.06
N SER A 152 -11.27 -9.25 17.80
CA SER A 152 -10.65 -9.05 16.50
C SER A 152 -9.32 -8.30 16.63
N PHE A 153 -8.54 -8.31 15.55
CA PHE A 153 -7.23 -7.76 15.54
C PHE A 153 -6.84 -7.38 14.11
N VAL A 154 -5.92 -6.40 14.02
CA VAL A 154 -5.26 -6.02 12.77
C VAL A 154 -3.78 -6.39 12.84
N ALA A 155 -3.33 -7.25 11.94
CA ALA A 155 -1.92 -7.54 11.69
C ALA A 155 -1.11 -6.27 11.40
N ASP A 156 0.19 -6.39 11.56
CA ASP A 156 1.11 -5.35 11.19
C ASP A 156 1.46 -5.53 9.70
N ARG A 157 2.24 -4.60 9.17
CA ARG A 157 2.44 -4.46 7.75
C ARG A 157 3.12 -5.72 7.18
N LEU A 158 4.14 -6.25 7.89
CA LEU A 158 4.86 -7.45 7.44
C LEU A 158 4.07 -8.73 7.76
N GLY A 159 3.01 -8.68 8.57
CA GLY A 159 2.11 -9.83 8.68
C GLY A 159 2.26 -10.65 9.97
N THR A 160 3.38 -10.50 10.68
CA THR A 160 3.81 -11.47 11.68
C THR A 160 3.33 -11.04 13.06
N GLY A 161 3.33 -9.72 13.31
CA GLY A 161 2.82 -9.10 14.54
C GLY A 161 1.44 -8.45 14.39
N THR A 162 1.09 -7.58 15.35
CA THR A 162 -0.26 -7.10 15.57
C THR A 162 -0.21 -5.58 15.87
N ALA A 163 -1.03 -4.81 15.14
CA ALA A 163 -1.15 -3.31 15.34
C ALA A 163 -2.24 -2.94 16.34
N VAL A 164 -3.33 -3.71 16.37
CA VAL A 164 -4.48 -3.36 17.23
C VAL A 164 -5.22 -4.65 17.59
N LEU A 165 -5.74 -4.72 18.83
CA LEU A 165 -6.57 -5.81 19.32
C LEU A 165 -7.85 -5.24 19.93
N CYS A 166 -8.98 -5.86 19.58
CA CYS A 166 -10.35 -5.35 19.82
C CYS A 166 -11.22 -6.41 20.52
N ALA A 167 -11.87 -6.02 21.63
CA ALA A 167 -12.71 -6.88 22.45
C ALA A 167 -14.02 -6.14 22.71
N PHE A 168 -15.12 -6.69 22.16
CA PHE A 168 -16.49 -6.16 22.35
C PHE A 168 -17.23 -7.04 23.38
N GLY A 169 -17.51 -6.44 24.53
CA GLY A 169 -18.13 -7.08 25.70
C GLY A 169 -17.47 -8.38 26.16
N THR A 170 -16.14 -8.47 26.14
CA THR A 170 -15.41 -9.70 26.51
C THR A 170 -13.94 -9.39 26.77
N ALA A 171 -13.22 -10.31 27.39
CA ALA A 171 -11.84 -10.07 27.80
C ALA A 171 -10.93 -10.00 26.57
N LEU A 172 -9.89 -9.16 26.62
CA LEU A 172 -9.00 -9.03 25.44
C LEU A 172 -8.21 -10.31 25.24
N HIS A 173 -7.68 -10.87 26.35
CA HIS A 173 -6.74 -11.99 26.33
C HIS A 173 -5.59 -11.69 25.35
N PRO A 174 -4.77 -10.66 25.63
CA PRO A 174 -3.79 -10.19 24.63
C PRO A 174 -2.57 -11.11 24.53
N ARG A 175 -2.12 -11.37 23.31
CA ARG A 175 -1.06 -12.26 23.03
C ARG A 175 0.01 -11.49 22.27
N PHE A 176 0.19 -10.22 22.65
CA PHE A 176 1.16 -9.29 22.00
C PHE A 176 2.57 -9.84 22.20
N GLY A 177 3.47 -9.48 21.29
CA GLY A 177 4.84 -9.92 21.28
C GLY A 177 5.11 -10.70 20.01
N PRO A 178 6.11 -11.61 19.95
CA PRO A 178 6.51 -12.23 18.69
C PRO A 178 5.49 -13.28 18.20
N ASP A 179 5.28 -13.30 16.87
CA ASP A 179 4.23 -14.10 16.21
C ASP A 179 2.85 -13.80 16.81
N SER A 180 2.62 -12.55 17.22
CA SER A 180 1.33 -12.13 17.83
C SER A 180 0.16 -12.20 16.81
N SER A 181 0.49 -12.11 15.51
CA SER A 181 -0.48 -12.38 14.44
C SER A 181 -1.04 -13.81 14.63
N ALA A 182 -0.14 -14.79 14.58
CA ALA A 182 -0.47 -16.21 14.62
C ALA A 182 -1.17 -16.51 15.94
N ARG A 183 -0.60 -16.00 17.04
CA ARG A 183 -1.12 -16.31 18.37
C ARG A 183 -2.52 -15.72 18.53
N HIS A 184 -2.77 -14.52 17.99
CA HIS A 184 -4.10 -13.89 18.07
C HIS A 184 -5.12 -14.68 17.23
N ARG A 185 -4.65 -15.16 16.06
CA ARG A 185 -5.46 -16.00 15.17
C ARG A 185 -5.89 -17.25 15.94
N ARG A 186 -4.91 -17.92 16.58
CA ARG A 186 -5.15 -19.12 17.42
C ARG A 186 -6.09 -18.80 18.60
N SER A 187 -5.95 -17.62 19.22
CA SER A 187 -6.75 -17.20 20.37
C SER A 187 -8.25 -17.17 19.98
N GLY A 188 -8.50 -17.08 18.67
CA GLY A 188 -9.83 -17.06 18.10
C GLY A 188 -10.27 -15.66 17.71
N ALA A 189 -9.38 -14.67 17.82
CA ALA A 189 -9.67 -13.32 17.40
C ALA A 189 -9.63 -13.29 15.87
N VAL A 190 -10.62 -12.60 15.29
CA VAL A 190 -10.84 -12.52 13.87
C VAL A 190 -9.93 -11.44 13.27
N GLU A 191 -9.22 -11.82 12.21
CA GLU A 191 -8.35 -10.89 11.45
C GLU A 191 -9.20 -9.95 10.60
N LEU A 192 -9.17 -8.66 10.92
CA LEU A 192 -9.76 -7.59 10.13
C LEU A 192 -8.82 -7.27 8.97
N THR A 193 -9.39 -7.00 7.80
CA THR A 193 -8.64 -7.11 6.54
C THR A 193 -8.68 -5.81 5.71
N GLY A 194 -9.19 -4.70 6.27
CA GLY A 194 -9.01 -3.39 5.62
C GLY A 194 -7.53 -3.09 5.38
N ALA A 195 -7.23 -2.34 4.30
CA ALA A 195 -5.86 -2.00 3.92
C ALA A 195 -5.16 -1.13 5.01
N TRP A 196 -5.72 0.04 5.34
CA TRP A 196 -5.29 0.84 6.55
C TRP A 196 -3.77 0.86 6.72
N PRO A 197 -2.99 1.20 5.65
CA PRO A 197 -1.53 1.11 5.71
C PRO A 197 -0.98 1.85 6.95
N GLY A 198 -1.52 3.02 7.27
CA GLY A 198 -0.96 3.81 8.39
C GLY A 198 -1.18 3.15 9.75
N LEU A 199 -2.24 2.36 9.87
CA LEU A 199 -2.49 1.53 11.08
C LEU A 199 -1.55 0.31 11.16
N ARG A 200 -1.24 -0.30 10.00
CA ARG A 200 -0.48 -1.54 9.96
C ARG A 200 1.02 -1.27 10.05
N CYS A 201 1.47 -0.17 9.44
CA CYS A 201 2.88 0.19 9.35
C CYS A 201 3.39 0.79 10.67
N ASP A 202 3.69 -0.08 11.65
CA ASP A 202 4.40 0.24 12.89
C ASP A 202 5.91 0.39 12.60
N VAL A 203 6.69 0.95 13.53
CA VAL A 203 8.13 1.35 13.25
C VAL A 203 9.07 0.81 14.32
N ASP A 204 9.76 -0.28 13.97
CA ASP A 204 10.72 -0.98 14.83
C ASP A 204 12.13 -0.78 14.26
N THR A 205 12.26 -0.72 12.92
CA THR A 205 13.50 -0.73 12.23
C THR A 205 13.56 0.41 11.21
N PRO A 206 14.77 0.81 10.83
CA PRO A 206 14.94 1.86 9.82
C PRO A 206 14.09 1.73 8.56
N ALA A 207 13.87 0.50 8.04
CA ALA A 207 13.09 0.38 6.84
C ALA A 207 11.61 0.63 7.15
N ASP A 208 11.16 0.27 8.37
CA ASP A 208 9.80 0.60 8.83
C ASP A 208 9.62 2.13 8.80
N LEU A 209 10.61 2.86 9.28
CA LEU A 209 10.52 4.34 9.36
C LEU A 209 10.37 4.92 7.95
N THR A 210 11.08 4.34 7.00
CA THR A 210 11.05 4.77 5.59
C THR A 210 9.68 4.50 4.98
N ALA A 211 9.17 3.31 5.21
CA ALA A 211 7.83 2.97 4.71
C ALA A 211 6.80 3.94 5.32
N ALA A 212 6.88 4.17 6.64
CA ALA A 212 5.97 5.06 7.30
C ALA A 212 6.06 6.49 6.70
N ARG A 213 7.29 6.93 6.41
CA ARG A 213 7.48 8.28 5.86
C ARG A 213 6.84 8.41 4.49
N GLN A 214 6.85 7.34 3.70
CA GLN A 214 6.19 7.38 2.43
C GLN A 214 4.67 7.52 2.58
N LEU A 215 4.09 6.93 3.63
CA LEU A 215 2.66 7.07 3.95
C LEU A 215 2.35 8.48 4.48
N GLY A 216 3.33 9.08 5.14
CA GLY A 216 3.19 10.40 5.67
C GLY A 216 2.94 10.35 7.16
N VAL A 217 4.00 10.67 7.89
CA VAL A 217 3.95 10.60 9.33
C VAL A 217 3.39 11.94 9.77
N GLY A 218 3.07 12.03 11.06
CA GLY A 218 2.51 13.18 11.67
C GLY A 218 3.59 14.17 12.09
N PRO A 219 3.18 15.31 12.70
CA PRO A 219 4.09 16.42 12.93
C PRO A 219 5.13 16.17 14.02
N ALA A 220 4.74 15.48 15.08
CA ALA A 220 5.72 15.25 16.11
C ALA A 220 6.84 14.38 15.52
N THR A 221 6.48 13.37 14.72
CA THR A 221 7.52 12.46 14.26
C THR A 221 8.43 13.19 13.25
N ALA A 222 7.83 13.86 12.28
CA ALA A 222 8.51 14.63 11.25
C ALA A 222 9.53 15.61 11.84
N ARG A 223 9.17 16.31 12.92
CA ARG A 223 10.05 17.18 13.63
C ARG A 223 11.15 16.37 14.33
N ALA A 224 10.80 15.24 14.95
CA ALA A 224 11.75 14.58 15.81
C ALA A 224 12.82 13.93 14.93
N VAL A 225 12.46 13.44 13.74
CA VAL A 225 13.42 12.77 12.84
C VAL A 225 14.37 13.80 12.21
N ALA A 226 14.15 15.11 12.46
CA ALA A 226 15.00 16.19 11.95
C ALA A 226 15.97 16.70 13.02
N HIS A 227 16.49 15.81 13.90
CA HIS A 227 17.50 16.14 14.96
C HIS A 227 18.24 14.87 15.42
N ASP B 21 11.33 -39.54 -1.27
CA ASP B 21 9.99 -39.81 -1.87
C ASP B 21 9.13 -38.56 -1.68
N GLY B 22 9.11 -37.71 -2.72
CA GLY B 22 8.17 -36.60 -2.82
C GLY B 22 6.75 -37.09 -3.08
N ASP B 23 5.78 -36.54 -2.33
CA ASP B 23 4.32 -36.87 -2.58
C ASP B 23 3.46 -35.65 -2.98
N ILE B 24 4.02 -34.44 -3.06
CA ILE B 24 3.18 -33.25 -3.34
C ILE B 24 3.26 -32.88 -4.84
N GLY B 25 2.10 -32.68 -5.46
CA GLY B 25 2.00 -32.08 -6.78
C GLY B 25 1.78 -30.59 -6.67
N LEU B 26 2.81 -29.78 -6.94
CA LEU B 26 2.73 -28.28 -6.82
C LEU B 26 2.26 -27.72 -8.16
N ILE B 27 1.32 -26.78 -8.08
CA ILE B 27 0.82 -25.98 -9.18
C ILE B 27 1.22 -24.53 -8.90
N ILE B 28 1.90 -23.88 -9.86
CA ILE B 28 1.98 -22.40 -9.97
C ILE B 28 1.22 -21.94 -11.22
N ALA B 29 0.24 -21.07 -10.95
CA ALA B 29 -0.62 -20.44 -11.94
C ALA B 29 -0.15 -18.99 -12.08
N VAL B 30 0.21 -18.64 -13.29
CA VAL B 30 0.66 -17.33 -13.66
C VAL B 30 -0.30 -16.83 -14.74
N LYS B 31 -1.16 -15.92 -14.29
CA LYS B 31 -1.98 -15.02 -15.08
C LYS B 31 -1.15 -14.29 -16.13
N ARG B 32 -1.88 -13.62 -17.02
CA ARG B 32 -1.32 -12.74 -18.03
C ARG B 32 -0.36 -11.75 -17.36
N LEU B 33 0.83 -11.58 -17.97
CA LEU B 33 1.83 -10.60 -17.48
C LEU B 33 1.28 -9.18 -17.57
N ALA B 34 0.47 -8.90 -18.60
CA ALA B 34 -0.10 -7.59 -18.91
C ALA B 34 -0.72 -6.95 -17.66
N ALA B 35 -1.41 -7.76 -16.85
CA ALA B 35 -2.16 -7.28 -15.68
C ALA B 35 -1.20 -6.90 -14.53
N ALA B 36 -0.22 -7.79 -14.28
CA ALA B 36 0.77 -7.63 -13.21
C ALA B 36 1.64 -6.40 -13.52
N LYS B 37 2.03 -6.34 -14.80
CA LYS B 37 2.98 -5.39 -15.38
C LYS B 37 2.54 -3.96 -15.10
N THR B 38 1.23 -3.71 -15.16
CA THR B 38 0.63 -2.38 -15.06
C THR B 38 0.45 -1.96 -13.59
N ARG B 39 0.20 -2.92 -12.69
CA ARG B 39 0.13 -2.51 -11.25
C ARG B 39 1.53 -1.96 -10.84
N LEU B 40 2.61 -2.41 -11.50
CA LEU B 40 3.99 -1.93 -11.21
C LEU B 40 4.50 -0.91 -12.25
N ALA B 41 3.59 -0.30 -13.03
CA ALA B 41 3.97 0.64 -14.07
C ALA B 41 4.61 1.90 -13.47
N PRO B 42 4.12 2.44 -12.35
CA PRO B 42 4.74 3.61 -11.74
C PRO B 42 6.26 3.49 -11.48
N VAL B 43 6.82 2.30 -11.26
CA VAL B 43 8.20 2.27 -10.87
C VAL B 43 9.10 1.58 -11.90
N PHE B 44 8.55 0.94 -12.93
CA PHE B 44 9.33 0.29 -13.97
C PHE B 44 8.75 0.66 -15.35
N SER B 45 9.64 1.00 -16.29
CA SER B 45 9.31 1.19 -17.73
C SER B 45 8.80 -0.12 -18.31
N ALA B 46 8.24 -0.07 -19.52
CA ALA B 46 7.38 -1.11 -20.08
C ALA B 46 8.09 -2.46 -20.13
N GLN B 47 9.41 -2.49 -20.42
CA GLN B 47 10.13 -3.79 -20.52
C GLN B 47 10.45 -4.30 -19.12
N THR B 48 11.12 -3.45 -18.34
CA THR B 48 11.55 -3.87 -17.04
C THR B 48 10.38 -4.57 -16.31
N ARG B 49 9.13 -4.11 -16.53
CA ARG B 49 7.96 -4.59 -15.80
C ARG B 49 7.79 -6.09 -16.04
N GLU B 50 7.92 -6.49 -17.31
CA GLU B 50 7.86 -7.87 -17.67
C GLU B 50 8.97 -8.62 -16.94
N ASN B 51 10.20 -8.12 -17.02
CA ASN B 51 11.32 -8.87 -16.55
C ASN B 51 11.18 -9.11 -15.05
N VAL B 52 10.74 -8.09 -14.32
CA VAL B 52 10.51 -8.16 -12.91
C VAL B 52 9.52 -9.28 -12.62
N VAL B 53 8.38 -9.26 -13.31
CA VAL B 53 7.35 -10.25 -13.07
C VAL B 53 7.90 -11.67 -13.28
N LEU B 54 8.56 -11.95 -14.42
CA LEU B 54 9.21 -13.27 -14.74
C LEU B 54 10.28 -13.65 -13.71
N ALA B 55 11.06 -12.66 -13.30
CA ALA B 55 12.05 -12.80 -12.22
C ALA B 55 11.38 -13.31 -10.95
N MSE B 56 10.21 -12.76 -10.64
CA MSE B 56 9.50 -13.16 -9.42
C MSE B 56 9.11 -14.61 -9.61
O MSE B 56 9.21 -15.41 -8.68
CB MSE B 56 8.32 -12.27 -9.10
CG MSE B 56 8.87 -10.91 -8.66
SE MSE B 56 7.54 -9.60 -8.00
CE MSE B 56 8.83 -8.21 -7.75
N LEU B 57 8.71 -14.98 -10.82
CA LEU B 57 8.30 -16.35 -11.08
C LEU B 57 9.47 -17.30 -10.85
N VAL B 58 10.65 -16.88 -11.34
CA VAL B 58 11.84 -17.65 -11.24
C VAL B 58 12.18 -17.80 -9.76
N ASP B 59 12.24 -16.71 -8.98
CA ASP B 59 12.60 -16.82 -7.62
C ASP B 59 11.58 -17.66 -6.86
N THR B 60 10.28 -17.43 -7.12
CA THR B 60 9.23 -18.22 -6.50
C THR B 60 9.46 -19.73 -6.71
N LEU B 61 9.80 -20.11 -7.94
CA LEU B 61 9.90 -21.50 -8.37
C LEU B 61 11.18 -22.13 -7.77
N THR B 62 12.25 -21.32 -7.72
CA THR B 62 13.56 -21.72 -7.21
C THR B 62 13.44 -22.11 -5.74
N ALA B 63 12.80 -21.25 -4.93
CA ALA B 63 12.57 -21.55 -3.53
C ALA B 63 11.65 -22.78 -3.43
N ALA B 64 10.53 -22.79 -4.16
CA ALA B 64 9.64 -23.96 -4.09
C ALA B 64 10.46 -25.27 -4.25
N ALA B 65 11.29 -25.33 -5.29
CA ALA B 65 11.92 -26.56 -5.77
C ALA B 65 12.85 -27.17 -4.73
N GLY B 66 13.26 -26.42 -3.72
CA GLY B 66 14.05 -26.98 -2.63
C GLY B 66 13.21 -27.64 -1.57
N VAL B 67 11.89 -27.74 -1.76
CA VAL B 67 11.07 -28.37 -0.75
C VAL B 67 11.07 -29.88 -1.01
N GLY B 68 11.60 -30.63 -0.04
CA GLY B 68 11.80 -32.07 -0.14
C GLY B 68 10.51 -32.83 -0.39
N SER B 69 9.41 -32.42 0.25
CA SER B 69 8.10 -33.08 0.11
C SER B 69 7.50 -32.95 -1.29
N LEU B 70 8.17 -32.26 -2.23
CA LEU B 70 7.61 -32.02 -3.57
C LEU B 70 8.00 -33.16 -4.51
N ARG B 71 7.03 -33.60 -5.33
CA ARG B 71 7.17 -34.62 -6.39
C ARG B 71 7.23 -33.98 -7.78
N SER B 72 6.51 -32.87 -7.98
CA SER B 72 6.43 -32.18 -9.27
C SER B 72 6.12 -30.69 -9.06
N ILE B 73 6.57 -29.86 -10.00
CA ILE B 73 6.11 -28.50 -10.10
C ILE B 73 5.55 -28.31 -11.50
N THR B 74 4.24 -28.09 -11.59
CA THR B 74 3.57 -27.78 -12.80
C THR B 74 3.30 -26.27 -12.79
N VAL B 75 3.76 -25.58 -13.85
CA VAL B 75 3.38 -24.20 -14.16
C VAL B 75 2.34 -24.21 -15.27
N ILE B 76 1.23 -23.53 -14.99
CA ILE B 76 0.15 -23.28 -15.98
C ILE B 76 0.07 -21.76 -16.23
N THR B 77 0.10 -21.38 -17.51
CA THR B 77 0.18 -19.95 -17.88
C THR B 77 -0.17 -19.77 -19.34
N PRO B 78 -0.84 -18.65 -19.70
CA PRO B 78 -1.06 -18.30 -21.11
C PRO B 78 0.09 -17.52 -21.81
N ASP B 79 1.08 -17.10 -21.02
CA ASP B 79 2.18 -16.29 -21.44
C ASP B 79 3.41 -17.17 -21.76
N GLU B 80 3.74 -17.26 -23.06
CA GLU B 80 4.86 -18.02 -23.66
C GLU B 80 6.21 -17.76 -22.99
N ALA B 81 6.41 -16.59 -22.39
CA ALA B 81 7.70 -16.21 -21.84
C ALA B 81 7.85 -16.76 -20.44
N ALA B 82 6.72 -16.72 -19.72
CA ALA B 82 6.67 -17.36 -18.42
C ALA B 82 6.84 -18.88 -18.63
N ALA B 83 6.05 -19.41 -19.54
CA ALA B 83 6.17 -20.84 -20.01
C ALA B 83 7.63 -21.24 -20.27
N ALA B 84 8.37 -20.46 -21.09
CA ALA B 84 9.74 -20.78 -21.40
C ALA B 84 10.63 -20.77 -20.19
N ALA B 85 10.50 -19.70 -19.38
CA ALA B 85 11.33 -19.49 -18.21
C ALA B 85 11.14 -20.64 -17.23
N ALA B 86 9.87 -21.06 -17.06
CA ALA B 86 9.52 -22.19 -16.18
C ALA B 86 10.07 -23.50 -16.76
N ALA B 87 9.78 -23.77 -18.04
CA ALA B 87 10.19 -25.03 -18.67
C ALA B 87 11.74 -25.16 -18.66
N GLY B 88 12.43 -23.99 -18.62
CA GLY B 88 13.92 -23.83 -18.63
C GLY B 88 14.56 -24.26 -17.33
N LEU B 89 13.74 -24.27 -16.27
CA LEU B 89 14.13 -24.60 -14.90
C LEU B 89 13.61 -26.00 -14.55
N GLY B 90 13.06 -26.72 -15.53
CA GLY B 90 12.64 -28.12 -15.39
C GLY B 90 11.25 -28.34 -14.78
N ALA B 91 10.46 -27.29 -14.59
CA ALA B 91 9.06 -27.51 -14.30
C ALA B 91 8.36 -28.09 -15.53
N ASP B 92 7.27 -28.82 -15.29
CA ASP B 92 6.29 -29.15 -16.29
C ASP B 92 5.55 -27.87 -16.59
N VAL B 93 4.98 -27.77 -17.79
CA VAL B 93 4.31 -26.59 -18.16
C VAL B 93 3.05 -26.96 -18.90
N LEU B 94 1.99 -26.21 -18.60
CA LEU B 94 0.70 -26.36 -19.23
C LEU B 94 0.31 -25.04 -19.89
N ALA B 95 -0.03 -25.12 -21.15
CA ALA B 95 -0.55 -23.94 -21.79
C ALA B 95 -1.96 -23.74 -21.25
N ASP B 96 -2.22 -22.55 -20.74
CA ASP B 96 -3.45 -22.26 -20.14
C ASP B 96 -4.54 -22.29 -21.22
N PRO B 97 -5.51 -23.24 -21.15
CA PRO B 97 -6.62 -23.27 -22.10
C PRO B 97 -7.81 -22.35 -21.75
N THR B 98 -7.74 -21.59 -20.65
CA THR B 98 -8.84 -20.69 -20.26
C THR B 98 -9.13 -19.69 -21.38
N PRO B 99 -10.40 -19.59 -21.87
CA PRO B 99 -10.78 -18.49 -22.76
C PRO B 99 -10.45 -17.08 -22.25
N GLU B 100 -10.44 -16.12 -23.17
CA GLU B 100 -10.37 -14.68 -22.92
C GLU B 100 -11.64 -14.21 -22.20
N ASP B 101 -12.78 -14.82 -22.57
CA ASP B 101 -14.15 -14.51 -22.07
C ASP B 101 -14.49 -15.40 -20.87
N ASP B 102 -13.49 -15.82 -20.09
CA ASP B 102 -13.76 -16.66 -18.94
C ASP B 102 -14.06 -15.74 -17.76
N PRO B 103 -15.19 -16.00 -17.06
CA PRO B 103 -15.59 -15.20 -15.90
C PRO B 103 -14.54 -15.18 -14.77
N ASP B 104 -13.77 -16.28 -14.65
CA ASP B 104 -13.10 -16.75 -13.43
C ASP B 104 -11.75 -17.35 -13.81
N PRO B 105 -10.89 -16.59 -14.52
CA PRO B 105 -9.75 -17.20 -15.22
C PRO B 105 -8.77 -17.97 -14.33
N LEU B 106 -8.40 -17.43 -13.18
CA LEU B 106 -7.38 -18.03 -12.36
C LEU B 106 -7.87 -19.41 -11.90
N ASN B 107 -9.10 -19.52 -11.39
CA ASN B 107 -9.54 -20.80 -10.79
C ASN B 107 -9.77 -21.86 -11.88
N THR B 108 -10.18 -21.38 -13.05
CA THR B 108 -10.37 -22.21 -14.22
C THR B 108 -9.05 -22.88 -14.62
N ALA B 109 -7.97 -22.08 -14.68
CA ALA B 109 -6.62 -22.57 -14.96
C ALA B 109 -6.15 -23.56 -13.87
N ILE B 110 -6.36 -23.23 -12.59
CA ILE B 110 -5.94 -24.08 -11.49
C ILE B 110 -6.64 -25.43 -11.64
N THR B 111 -7.93 -25.41 -11.98
CA THR B 111 -8.73 -26.63 -12.11
C THR B 111 -8.20 -27.51 -13.26
N ALA B 112 -7.92 -26.87 -14.41
CA ALA B 112 -7.41 -27.57 -15.60
C ALA B 112 -6.11 -28.29 -15.22
N ALA B 113 -5.27 -27.55 -14.47
CA ALA B 113 -3.98 -28.01 -14.04
C ALA B 113 -4.17 -29.17 -13.07
N GLU B 114 -5.13 -29.01 -12.16
CA GLU B 114 -5.40 -30.00 -11.17
C GLU B 114 -5.65 -31.35 -11.83
N ARG B 115 -6.49 -31.36 -12.88
CA ARG B 115 -6.85 -32.60 -13.59
C ARG B 115 -5.62 -33.32 -14.14
N VAL B 116 -4.59 -32.60 -14.57
CA VAL B 116 -3.41 -33.30 -15.08
C VAL B 116 -2.58 -33.82 -13.88
N VAL B 117 -2.29 -32.93 -12.92
CA VAL B 117 -1.40 -33.22 -11.79
C VAL B 117 -1.97 -34.39 -10.94
N ALA B 118 -3.30 -34.46 -10.85
CA ALA B 118 -3.97 -35.47 -10.05
C ALA B 118 -3.67 -36.88 -10.61
N GLU B 119 -3.33 -37.01 -11.90
CA GLU B 119 -2.91 -38.31 -12.47
C GLU B 119 -1.61 -38.82 -11.80
N GLY B 120 -0.82 -37.98 -11.11
CA GLY B 120 0.50 -38.41 -10.57
C GLY B 120 0.71 -38.06 -9.09
N ALA B 121 -0.30 -37.49 -8.43
CA ALA B 121 -0.18 -37.07 -7.04
C ALA B 121 -1.56 -37.04 -6.42
N SER B 122 -1.65 -37.53 -5.19
CA SER B 122 -2.90 -37.50 -4.45
C SER B 122 -3.01 -36.16 -3.70
N ASN B 123 -1.88 -35.48 -3.46
CA ASN B 123 -1.87 -34.21 -2.70
C ASN B 123 -1.33 -33.09 -3.58
N ILE B 124 -2.10 -31.99 -3.65
CA ILE B 124 -1.88 -30.89 -4.56
C ILE B 124 -1.85 -29.59 -3.75
N VAL B 125 -0.83 -28.78 -4.03
CA VAL B 125 -0.61 -27.48 -3.45
C VAL B 125 -0.61 -26.48 -4.61
N VAL B 126 -1.37 -25.40 -4.47
CA VAL B 126 -1.45 -24.37 -5.45
C VAL B 126 -0.81 -23.14 -4.83
N LEU B 127 0.18 -22.60 -5.52
CA LEU B 127 1.00 -21.49 -5.07
C LEU B 127 0.90 -20.37 -6.12
N GLN B 128 1.12 -19.14 -5.66
CA GLN B 128 1.12 -17.99 -6.54
C GLN B 128 2.55 -17.84 -7.10
N GLY B 129 2.70 -17.24 -8.28
CA GLY B 129 4.01 -17.00 -8.97
C GLY B 129 4.72 -15.68 -8.63
N ASP B 130 4.21 -14.99 -7.62
CA ASP B 130 4.62 -13.63 -7.30
C ASP B 130 5.02 -13.53 -5.81
N LEU B 131 5.92 -14.41 -5.36
CA LEU B 131 6.33 -14.49 -3.97
C LEU B 131 7.86 -14.43 -3.90
N PRO B 132 8.50 -13.33 -4.34
CA PRO B 132 9.94 -13.37 -4.56
C PRO B 132 10.80 -13.45 -3.27
N ALA B 133 10.23 -13.10 -2.11
CA ALA B 133 10.92 -13.27 -0.81
C ALA B 133 10.58 -14.60 -0.14
N LEU B 134 9.91 -15.51 -0.85
CA LEU B 134 9.56 -16.85 -0.32
C LEU B 134 10.83 -17.63 0.04
N GLN B 135 10.95 -18.05 1.30
CA GLN B 135 12.04 -18.97 1.80
C GLN B 135 11.57 -20.41 1.64
N THR B 136 12.45 -21.30 1.20
CA THR B 136 12.12 -22.73 1.05
C THR B 136 11.42 -23.27 2.32
N GLN B 137 11.92 -22.86 3.48
CA GLN B 137 11.48 -23.32 4.78
C GLN B 137 10.06 -22.83 5.14
N GLU B 138 9.65 -21.71 4.53
CA GLU B 138 8.31 -21.19 4.73
C GLU B 138 7.35 -22.15 4.04
N LEU B 139 7.64 -22.52 2.78
CA LEU B 139 6.77 -23.40 2.02
C LEU B 139 6.70 -24.78 2.71
N ALA B 140 7.87 -25.28 3.14
CA ALA B 140 8.06 -26.65 3.65
C ALA B 140 7.20 -26.86 4.88
N GLU B 141 7.31 -25.88 5.79
CA GLU B 141 6.62 -25.86 6.99
C GLU B 141 5.11 -25.77 6.71
N ALA B 142 4.70 -24.92 5.77
CA ALA B 142 3.26 -24.72 5.57
C ALA B 142 2.64 -25.99 4.99
N ILE B 143 3.39 -26.70 4.13
CA ILE B 143 3.03 -28.05 3.64
C ILE B 143 2.96 -29.06 4.81
N SER B 144 3.95 -29.06 5.72
CA SER B 144 3.92 -29.84 7.00
C SER B 144 2.57 -29.66 7.72
N ALA B 145 2.17 -28.41 8.00
CA ALA B 145 0.95 -28.09 8.74
C ALA B 145 -0.30 -28.55 7.96
N ALA B 146 -0.23 -28.40 6.62
CA ALA B 146 -1.34 -28.69 5.73
C ALA B 146 -1.66 -30.19 5.67
N ARG B 147 -0.61 -31.01 5.84
CA ARG B 147 -0.70 -32.46 5.81
C ARG B 147 -1.78 -32.96 6.77
N HIS B 148 -1.97 -32.26 7.88
CA HIS B 148 -2.91 -32.70 8.92
C HIS B 148 -4.34 -32.25 8.65
N HIS B 149 -4.61 -31.71 7.46
CA HIS B 149 -6.01 -31.39 7.04
C HIS B 149 -6.30 -31.88 5.63
N ARG B 150 -7.58 -32.02 5.32
CA ARG B 150 -8.01 -32.36 3.98
C ARG B 150 -7.74 -31.15 3.07
N ARG B 151 -8.16 -29.96 3.54
CA ARG B 151 -8.07 -28.68 2.81
C ARG B 151 -7.60 -27.59 3.79
N SER B 152 -6.68 -26.75 3.33
CA SER B 152 -6.15 -25.67 4.15
C SER B 152 -5.49 -24.61 3.26
N PHE B 153 -5.22 -23.43 3.85
CA PHE B 153 -4.74 -22.33 3.08
C PHE B 153 -3.94 -21.41 4.00
N VAL B 154 -3.06 -20.62 3.38
CA VAL B 154 -2.40 -19.49 4.01
C VAL B 154 -2.88 -18.23 3.30
N ALA B 155 -3.49 -17.34 4.06
CA ALA B 155 -3.87 -16.05 3.60
C ALA B 155 -2.63 -15.21 3.29
N ASP B 156 -2.86 -14.16 2.49
CA ASP B 156 -1.81 -13.23 2.18
C ASP B 156 -1.65 -12.25 3.35
N ARG B 157 -0.68 -11.36 3.17
CA ARG B 157 -0.11 -10.49 4.18
C ARG B 157 -1.25 -9.66 4.81
N LEU B 158 -2.11 -9.09 3.97
CA LEU B 158 -3.19 -8.18 4.34
C LEU B 158 -4.30 -8.96 5.04
N GLY B 159 -4.48 -10.21 4.62
CA GLY B 159 -5.39 -11.17 5.20
C GLY B 159 -6.63 -11.38 4.35
N THR B 160 -6.77 -10.60 3.25
CA THR B 160 -7.96 -10.63 2.42
C THR B 160 -7.89 -11.80 1.43
N GLY B 161 -6.68 -12.10 0.94
CA GLY B 161 -6.53 -13.08 -0.14
C GLY B 161 -5.78 -14.33 0.32
N THR B 162 -5.22 -15.05 -0.66
CA THR B 162 -4.63 -16.37 -0.45
C THR B 162 -3.28 -16.45 -1.15
N ALA B 163 -2.30 -17.02 -0.43
CA ALA B 163 -0.92 -17.28 -0.86
C ALA B 163 -0.76 -18.70 -1.38
N VAL B 164 -1.41 -19.64 -0.67
CA VAL B 164 -1.34 -20.99 -1.00
C VAL B 164 -2.58 -21.73 -0.53
N LEU B 165 -2.93 -22.74 -1.31
CA LEU B 165 -4.06 -23.56 -1.08
C LEU B 165 -3.64 -25.02 -1.17
N CYS B 166 -4.03 -25.81 -0.17
CA CYS B 166 -3.63 -27.25 -0.17
C CYS B 166 -4.81 -28.19 -0.07
N ALA B 167 -4.70 -29.31 -0.79
CA ALA B 167 -5.69 -30.37 -0.78
C ALA B 167 -4.98 -31.73 -0.64
N PHE B 168 -5.27 -32.48 0.43
CA PHE B 168 -4.66 -33.79 0.59
C PHE B 168 -5.72 -34.87 0.46
N GLY B 169 -5.54 -35.68 -0.59
CA GLY B 169 -6.42 -36.80 -0.90
C GLY B 169 -7.82 -36.40 -1.33
N THR B 170 -8.05 -35.12 -1.66
CA THR B 170 -9.39 -34.60 -2.03
C THR B 170 -9.23 -33.51 -3.09
N ALA B 171 -10.35 -32.95 -3.57
CA ALA B 171 -10.33 -31.83 -4.57
C ALA B 171 -10.06 -30.44 -3.95
N LEU B 172 -9.29 -29.61 -4.68
CA LEU B 172 -8.89 -28.24 -4.31
C LEU B 172 -10.08 -27.29 -4.12
N HIS B 173 -11.12 -27.42 -4.95
CA HIS B 173 -12.18 -26.37 -5.04
C HIS B 173 -11.57 -24.97 -4.89
N PRO B 174 -10.70 -24.49 -5.82
CA PRO B 174 -10.03 -23.21 -5.65
C PRO B 174 -11.05 -22.07 -5.77
N ARG B 175 -10.88 -21.04 -4.93
CA ARG B 175 -11.74 -19.88 -4.85
C ARG B 175 -10.82 -18.66 -4.74
N PHE B 176 -9.75 -18.68 -5.54
CA PHE B 176 -8.83 -17.54 -5.60
C PHE B 176 -9.55 -16.39 -6.33
N GLY B 177 -9.13 -15.16 -6.00
CA GLY B 177 -9.75 -13.94 -6.46
C GLY B 177 -9.93 -12.97 -5.31
N PRO B 178 -10.81 -11.95 -5.46
CA PRO B 178 -11.10 -11.00 -4.40
C PRO B 178 -11.73 -11.74 -3.22
N ASP B 179 -11.31 -11.35 -2.02
CA ASP B 179 -11.80 -11.90 -0.75
C ASP B 179 -11.58 -13.43 -0.70
N SER B 180 -10.49 -13.96 -1.26
CA SER B 180 -10.38 -15.44 -1.36
C SER B 180 -10.08 -16.09 0.01
N SER B 181 -9.57 -15.31 0.98
CA SER B 181 -9.33 -15.78 2.35
C SER B 181 -10.65 -16.27 2.95
N ALA B 182 -11.59 -15.34 3.06
CA ALA B 182 -12.98 -15.56 3.47
C ALA B 182 -13.62 -16.72 2.70
N ARG B 183 -13.50 -16.72 1.37
CA ARG B 183 -14.12 -17.77 0.51
C ARG B 183 -13.58 -19.15 0.88
N HIS B 184 -12.24 -19.22 0.92
CA HIS B 184 -11.55 -20.45 1.13
C HIS B 184 -11.97 -21.00 2.50
N ARG B 185 -12.10 -20.11 3.48
CA ARG B 185 -12.48 -20.43 4.84
C ARG B 185 -13.90 -20.99 4.88
N ARG B 186 -14.86 -20.27 4.30
CA ARG B 186 -16.25 -20.71 4.19
C ARG B 186 -16.38 -22.04 3.44
N SER B 187 -15.47 -22.33 2.50
CA SER B 187 -15.51 -23.60 1.73
C SER B 187 -15.09 -24.80 2.58
N GLY B 188 -14.50 -24.52 3.76
CA GLY B 188 -13.99 -25.54 4.69
C GLY B 188 -12.48 -25.78 4.62
N ALA B 189 -11.73 -24.87 3.99
CA ALA B 189 -10.29 -24.95 4.07
C ALA B 189 -9.85 -24.40 5.44
N VAL B 190 -8.98 -25.14 6.14
CA VAL B 190 -8.53 -24.71 7.45
C VAL B 190 -7.43 -23.68 7.27
N GLU B 191 -7.53 -22.57 8.01
CA GLU B 191 -6.55 -21.55 7.88
C GLU B 191 -5.25 -21.94 8.61
N LEU B 192 -4.12 -21.91 7.92
CA LEU B 192 -2.89 -22.18 8.61
C LEU B 192 -2.41 -20.84 9.18
N THR B 193 -1.80 -20.89 10.37
CA THR B 193 -1.50 -19.69 11.16
C THR B 193 0.00 -19.37 11.25
N GLY B 194 0.91 -20.26 10.80
CA GLY B 194 2.37 -19.91 10.75
C GLY B 194 2.63 -18.47 10.26
N ALA B 195 3.77 -17.88 10.63
CA ALA B 195 4.05 -16.47 10.26
C ALA B 195 4.37 -16.34 8.76
N TRP B 196 5.47 -16.96 8.33
CA TRP B 196 5.80 -17.17 6.91
C TRP B 196 5.66 -15.89 6.10
N PRO B 197 6.32 -14.76 6.43
CA PRO B 197 6.08 -13.50 5.72
C PRO B 197 6.40 -13.65 4.22
N GLY B 198 7.53 -14.28 3.93
CA GLY B 198 7.95 -14.57 2.53
C GLY B 198 6.85 -15.16 1.65
N LEU B 199 6.08 -16.11 2.21
CA LEU B 199 4.95 -16.78 1.57
C LEU B 199 3.70 -15.86 1.52
N ARG B 200 3.52 -14.95 2.48
CA ARG B 200 2.30 -14.13 2.57
C ARG B 200 2.43 -12.83 1.78
N CYS B 201 3.65 -12.24 1.77
CA CYS B 201 3.95 -10.95 1.02
C CYS B 201 4.16 -11.17 -0.48
N ASP B 202 3.07 -11.49 -1.20
CA ASP B 202 2.99 -11.45 -2.62
C ASP B 202 3.11 -10.00 -3.12
N VAL B 203 3.56 -9.84 -4.36
CA VAL B 203 3.92 -8.54 -4.94
C VAL B 203 2.93 -8.22 -6.09
N ASP B 204 1.94 -7.41 -5.74
CA ASP B 204 0.99 -6.92 -6.71
C ASP B 204 1.36 -5.47 -7.09
N THR B 205 1.65 -4.67 -6.06
CA THR B 205 1.76 -3.27 -6.07
C THR B 205 3.20 -2.86 -5.73
N PRO B 206 3.59 -1.59 -5.94
CA PRO B 206 4.91 -1.14 -5.54
C PRO B 206 5.18 -1.31 -4.04
N ALA B 207 4.21 -0.98 -3.17
CA ALA B 207 4.41 -1.15 -1.70
C ALA B 207 4.77 -2.62 -1.36
N ASP B 208 4.11 -3.56 -2.06
CA ASP B 208 4.39 -4.96 -1.90
C ASP B 208 5.88 -5.25 -2.17
N LEU B 209 6.37 -4.72 -3.28
CA LEU B 209 7.68 -5.02 -3.68
C LEU B 209 8.68 -4.47 -2.65
N THR B 210 8.54 -3.22 -2.20
CA THR B 210 9.35 -2.65 -1.13
C THR B 210 9.30 -3.55 0.10
N ALA B 211 8.08 -3.96 0.48
CA ALA B 211 7.91 -4.84 1.65
C ALA B 211 8.72 -6.15 1.49
N ALA B 212 8.62 -6.80 0.31
CA ALA B 212 9.30 -8.02 0.06
C ALA B 212 10.81 -7.81 0.13
N ARG B 213 11.27 -6.67 -0.41
CA ARG B 213 12.70 -6.37 -0.47
C ARG B 213 13.25 -6.15 0.94
N GLN B 214 12.41 -5.73 1.90
CA GLN B 214 12.82 -5.66 3.27
C GLN B 214 12.94 -7.10 3.83
N LEU B 215 12.00 -7.99 3.48
CA LEU B 215 12.16 -9.43 3.81
C LEU B 215 13.36 -10.07 3.09
N GLY B 216 13.61 -9.68 1.84
CA GLY B 216 14.71 -10.28 1.07
C GLY B 216 14.22 -11.11 -0.09
N VAL B 217 14.45 -10.62 -1.30
CA VAL B 217 13.93 -11.26 -2.43
C VAL B 217 15.00 -12.20 -2.99
N GLY B 218 14.56 -13.07 -3.89
CA GLY B 218 15.51 -13.94 -4.56
C GLY B 218 16.50 -13.15 -5.40
N PRO B 219 17.49 -13.83 -6.02
CA PRO B 219 18.50 -13.13 -6.82
C PRO B 219 18.05 -12.72 -8.22
N ALA B 220 17.11 -13.42 -8.86
CA ALA B 220 16.51 -12.90 -10.12
C ALA B 220 15.85 -11.53 -9.90
N THR B 221 15.04 -11.40 -8.85
CA THR B 221 14.25 -10.20 -8.79
C THR B 221 15.17 -9.09 -8.28
N ALA B 222 16.16 -9.46 -7.47
CA ALA B 222 17.19 -8.50 -7.03
C ALA B 222 17.83 -7.84 -8.26
N ARG B 223 18.25 -8.67 -9.22
CA ARG B 223 18.79 -8.25 -10.50
C ARG B 223 17.74 -7.44 -11.26
N ALA B 224 16.58 -8.04 -11.53
CA ALA B 224 15.58 -7.39 -12.39
C ALA B 224 15.21 -5.98 -11.88
N VAL B 225 15.11 -5.76 -10.56
CA VAL B 225 14.64 -4.43 -10.00
C VAL B 225 15.71 -3.32 -10.10
N ALA B 226 16.98 -3.72 -10.30
CA ALA B 226 18.12 -2.77 -10.47
C ALA B 226 18.08 -2.10 -11.85
N HIS B 227 17.00 -2.33 -12.62
CA HIS B 227 16.69 -1.62 -13.86
C HIS B 227 15.47 -0.72 -13.66
N GLY C 22 -16.85 6.45 -18.89
CA GLY C 22 -16.43 7.80 -18.43
C GLY C 22 -16.62 8.85 -19.53
N ASP C 23 -16.79 10.11 -19.14
CA ASP C 23 -17.11 11.20 -20.10
C ASP C 23 -16.20 12.43 -19.97
N ILE C 24 -15.10 12.32 -19.20
CA ILE C 24 -14.16 13.43 -19.06
C ILE C 24 -12.90 13.17 -19.89
N GLY C 25 -12.52 14.11 -20.75
CA GLY C 25 -11.15 14.12 -21.34
C GLY C 25 -10.13 14.90 -20.50
N LEU C 26 -9.15 14.21 -19.89
CA LEU C 26 -8.06 14.87 -19.11
C LEU C 26 -6.87 15.27 -19.99
N ILE C 27 -6.48 16.54 -19.94
CA ILE C 27 -5.24 17.01 -20.49
C ILE C 27 -4.28 17.25 -19.34
N ILE C 28 -3.02 16.84 -19.49
CA ILE C 28 -1.91 17.23 -18.58
C ILE C 28 -0.86 17.96 -19.42
N ALA C 29 -0.59 19.23 -19.11
CA ALA C 29 0.48 19.99 -19.83
C ALA C 29 1.77 19.85 -19.06
N VAL C 30 2.85 19.45 -19.74
CA VAL C 30 4.17 19.36 -19.14
C VAL C 30 5.09 20.27 -19.95
N LYS C 31 5.63 21.31 -19.31
CA LYS C 31 6.59 22.16 -20.01
C LYS C 31 8.00 21.57 -19.84
N ARG C 32 8.90 22.08 -20.69
CA ARG C 32 10.32 21.72 -20.69
C ARG C 32 10.76 21.45 -19.25
N LEU C 33 11.21 20.21 -19.03
CA LEU C 33 11.89 19.84 -17.79
C LEU C 33 12.88 20.93 -17.37
N ALA C 34 13.81 21.31 -18.25
CA ALA C 34 14.86 22.34 -18.07
C ALA C 34 14.49 23.37 -17.00
N ALA C 35 13.33 24.04 -17.17
CA ALA C 35 12.87 25.13 -16.26
C ALA C 35 12.47 24.59 -14.87
N ALA C 36 11.85 23.40 -14.81
CA ALA C 36 11.43 22.79 -13.56
C ALA C 36 12.66 22.28 -12.80
N LYS C 37 13.59 21.74 -13.59
CA LYS C 37 14.82 21.14 -13.12
C LYS C 37 15.64 22.19 -12.35
N THR C 38 15.66 23.46 -12.79
CA THR C 38 16.54 24.42 -12.14
C THR C 38 15.81 24.98 -10.91
N ARG C 39 14.49 25.20 -10.99
CA ARG C 39 13.72 25.59 -9.80
C ARG C 39 14.02 24.67 -8.60
N LEU C 40 14.37 23.38 -8.86
CA LEU C 40 14.66 22.34 -7.83
C LEU C 40 16.16 22.06 -7.72
N ALA C 41 16.95 22.96 -8.30
CA ALA C 41 18.37 22.76 -8.49
C ALA C 41 19.08 22.65 -7.15
N PRO C 42 18.74 23.56 -6.17
CA PRO C 42 19.35 23.54 -4.84
C PRO C 42 19.38 22.18 -4.12
N VAL C 43 18.27 21.41 -4.25
CA VAL C 43 18.12 20.18 -3.43
C VAL C 43 18.44 18.90 -4.22
N PHE C 44 18.70 18.99 -5.52
CA PHE C 44 19.06 17.75 -6.28
C PHE C 44 20.18 18.01 -7.29
N SER C 45 21.08 17.02 -7.48
CA SER C 45 22.11 17.09 -8.54
C SER C 45 21.40 17.07 -9.91
N ALA C 46 22.15 17.02 -11.02
CA ALA C 46 21.64 17.49 -12.35
C ALA C 46 20.74 16.46 -13.06
N GLN C 47 20.94 15.16 -12.78
CA GLN C 47 20.12 14.08 -13.38
C GLN C 47 18.86 13.91 -12.54
N THR C 48 19.08 13.81 -11.24
CA THR C 48 18.03 13.70 -10.23
C THR C 48 16.88 14.69 -10.46
N ARG C 49 17.18 15.88 -10.96
CA ARG C 49 16.16 16.90 -11.12
C ARG C 49 15.17 16.42 -12.19
N GLU C 50 15.70 15.67 -13.16
CA GLU C 50 14.94 15.19 -14.30
C GLU C 50 14.03 14.04 -13.83
N ASN C 51 14.64 13.05 -13.19
CA ASN C 51 13.99 11.94 -12.57
C ASN C 51 12.85 12.42 -11.68
N VAL C 52 13.10 13.43 -10.86
CA VAL C 52 12.17 13.80 -9.85
C VAL C 52 10.97 14.42 -10.55
N VAL C 53 11.24 15.19 -11.60
CA VAL C 53 10.15 15.85 -12.29
C VAL C 53 9.39 14.81 -13.14
N LEU C 54 10.11 13.82 -13.68
CA LEU C 54 9.45 12.75 -14.46
C LEU C 54 8.59 11.97 -13.47
N ALA C 55 9.17 11.58 -12.34
CA ALA C 55 8.49 10.80 -11.28
C ALA C 55 7.25 11.55 -10.78
N MSE C 56 7.31 12.86 -10.66
CA MSE C 56 6.16 13.59 -10.29
C MSE C 56 5.06 13.47 -11.30
O MSE C 56 3.93 13.43 -10.91
CB MSE C 56 6.56 15.01 -10.08
CG MSE C 56 6.63 15.28 -8.59
SE MSE C 56 7.65 16.83 -8.06
CE MSE C 56 6.67 18.31 -8.79
N LEU C 57 5.38 13.45 -12.60
CA LEU C 57 4.35 13.31 -13.67
C LEU C 57 3.78 11.90 -13.60
N VAL C 58 4.65 10.92 -13.37
CA VAL C 58 4.22 9.50 -13.30
C VAL C 58 3.23 9.35 -12.15
N ASP C 59 3.54 9.96 -11.00
CA ASP C 59 2.68 9.86 -9.79
C ASP C 59 1.37 10.58 -10.07
N THR C 60 1.41 11.77 -10.62
CA THR C 60 0.17 12.52 -10.93
C THR C 60 -0.69 11.70 -11.89
N LEU C 61 -0.06 11.18 -12.93
CA LEU C 61 -0.71 10.41 -13.98
C LEU C 61 -1.42 9.19 -13.37
N THR C 62 -0.68 8.41 -12.59
CA THR C 62 -1.16 7.20 -11.98
C THR C 62 -2.32 7.45 -11.01
N ALA C 63 -2.22 8.50 -10.18
CA ALA C 63 -3.30 8.90 -9.36
C ALA C 63 -4.53 9.11 -10.23
N ALA C 64 -4.41 10.01 -11.21
CA ALA C 64 -5.58 10.51 -12.01
C ALA C 64 -6.23 9.38 -12.82
N ALA C 65 -5.49 8.30 -13.06
CA ALA C 65 -5.97 7.23 -13.91
C ALA C 65 -6.97 6.37 -13.14
N GLY C 66 -6.98 6.53 -11.82
CA GLY C 66 -7.95 5.91 -10.94
C GLY C 66 -9.33 6.52 -11.06
N VAL C 67 -9.46 7.75 -11.55
CA VAL C 67 -10.78 8.40 -11.61
C VAL C 67 -11.67 7.84 -12.73
N GLY C 68 -12.75 7.18 -12.29
CA GLY C 68 -13.74 6.51 -13.15
C GLY C 68 -14.40 7.42 -14.19
N SER C 69 -14.58 8.71 -13.89
CA SER C 69 -15.24 9.61 -14.84
C SER C 69 -14.38 9.92 -16.09
N LEU C 70 -13.08 9.54 -16.05
CA LEU C 70 -12.13 9.86 -17.11
C LEU C 70 -12.28 8.91 -18.31
N ARG C 71 -12.49 9.52 -19.47
CA ARG C 71 -12.63 8.87 -20.77
C ARG C 71 -11.26 8.72 -21.43
N SER C 72 -10.36 9.69 -21.16
CA SER C 72 -9.05 9.70 -21.72
C SER C 72 -8.12 10.62 -20.92
N ILE C 73 -6.81 10.36 -21.07
CA ILE C 73 -5.74 11.16 -20.59
C ILE C 73 -4.72 11.36 -21.72
N THR C 74 -4.49 12.64 -22.02
CA THR C 74 -3.59 13.15 -23.03
C THR C 74 -2.58 14.08 -22.35
N VAL C 75 -1.29 13.84 -22.55
CA VAL C 75 -0.21 14.61 -22.00
C VAL C 75 0.39 15.36 -23.18
N ILE C 76 0.59 16.66 -23.03
CA ILE C 76 1.22 17.47 -24.07
C ILE C 76 2.56 17.96 -23.51
N THR C 77 3.64 17.72 -24.26
CA THR C 77 4.99 17.95 -23.79
C THR C 77 5.92 18.02 -25.00
N PRO C 78 6.89 18.95 -24.96
CA PRO C 78 7.99 18.95 -25.93
C PRO C 78 9.07 17.94 -25.53
N ASP C 79 9.04 17.47 -24.30
CA ASP C 79 10.11 16.65 -23.73
C ASP C 79 9.85 15.14 -23.96
N GLU C 80 10.78 14.48 -24.67
CA GLU C 80 10.68 13.09 -25.15
C GLU C 80 10.72 12.09 -24.00
N ALA C 81 11.54 12.41 -22.99
CA ALA C 81 11.59 11.62 -21.73
C ALA C 81 10.23 11.69 -21.01
N ALA C 82 9.57 12.85 -21.05
CA ALA C 82 8.23 12.99 -20.40
C ALA C 82 7.17 12.28 -21.27
N ALA C 83 7.29 12.42 -22.60
CA ALA C 83 6.40 11.75 -23.55
C ALA C 83 6.45 10.22 -23.35
N ALA C 84 7.64 9.69 -23.19
CA ALA C 84 7.88 8.28 -23.15
C ALA C 84 7.30 7.71 -21.86
N ALA C 85 7.45 8.44 -20.78
CA ALA C 85 6.95 7.98 -19.49
C ALA C 85 5.42 7.96 -19.53
N ALA C 86 4.78 9.02 -20.03
CA ALA C 86 3.31 9.15 -20.11
C ALA C 86 2.72 8.07 -21.02
N ALA C 87 3.31 7.88 -22.22
CA ALA C 87 2.95 6.86 -23.19
C ALA C 87 2.98 5.46 -22.58
N GLY C 88 4.07 5.12 -21.89
CA GLY C 88 4.22 3.83 -21.16
C GLY C 88 3.19 3.62 -20.06
N LEU C 89 2.43 4.65 -19.65
CA LEU C 89 1.34 4.44 -18.63
C LEU C 89 0.00 4.40 -19.36
N GLY C 90 0.02 4.46 -20.70
CA GLY C 90 -1.17 4.26 -21.52
C GLY C 90 -1.87 5.58 -21.83
N ALA C 91 -1.18 6.68 -21.61
CA ALA C 91 -1.71 7.95 -21.93
C ALA C 91 -1.53 8.17 -23.44
N ASP C 92 -2.44 8.96 -24.05
CA ASP C 92 -2.14 9.67 -25.28
C ASP C 92 -1.08 10.74 -25.02
N VAL C 93 -0.21 10.96 -25.99
CA VAL C 93 0.74 11.99 -25.92
C VAL C 93 0.77 12.78 -27.22
N LEU C 94 0.76 14.11 -27.09
CA LEU C 94 0.88 15.00 -28.17
C LEU C 94 2.19 15.74 -28.03
N ALA C 95 3.09 15.54 -28.99
CA ALA C 95 4.30 16.35 -29.11
C ALA C 95 3.87 17.81 -29.27
N ASP C 96 4.32 18.64 -28.35
CA ASP C 96 3.97 20.03 -28.33
C ASP C 96 4.58 20.76 -29.56
N PRO C 97 3.72 21.35 -30.44
CA PRO C 97 4.16 22.20 -31.53
C PRO C 97 4.12 23.72 -31.25
N THR C 98 4.00 24.13 -29.99
CA THR C 98 4.12 25.53 -29.57
C THR C 98 5.49 26.07 -30.00
N PRO C 99 5.57 27.18 -30.79
CA PRO C 99 6.85 27.75 -31.25
C PRO C 99 8.02 27.76 -30.25
N PRO C 103 4.90 32.59 -27.47
CA PRO C 103 4.27 33.80 -26.91
C PRO C 103 3.64 33.56 -25.54
N ASP C 104 2.52 32.81 -25.51
CA ASP C 104 1.78 32.39 -24.29
C ASP C 104 1.78 30.85 -24.26
N PRO C 105 2.98 30.22 -24.08
CA PRO C 105 3.19 28.80 -24.41
C PRO C 105 2.26 27.77 -23.73
N LEU C 106 2.01 27.96 -22.42
CA LEU C 106 1.28 26.98 -21.60
C LEU C 106 -0.20 26.95 -22.02
N ASN C 107 -0.80 28.13 -22.19
CA ASN C 107 -2.20 28.22 -22.61
C ASN C 107 -2.30 27.75 -24.08
N THR C 108 -1.25 28.00 -24.88
CA THR C 108 -1.30 27.66 -26.32
C THR C 108 -1.20 26.13 -26.54
N ALA C 109 -0.30 25.48 -25.81
CA ALA C 109 -0.20 24.02 -25.72
C ALA C 109 -1.55 23.42 -25.33
N ILE C 110 -2.06 23.81 -24.13
CA ILE C 110 -3.37 23.44 -23.62
C ILE C 110 -4.43 23.59 -24.71
N THR C 111 -4.44 24.72 -25.41
CA THR C 111 -5.47 24.98 -26.48
C THR C 111 -5.36 23.96 -27.62
N ALA C 112 -4.13 23.70 -28.07
CA ALA C 112 -3.82 22.71 -29.12
C ALA C 112 -4.29 21.30 -28.70
N ALA C 113 -4.10 20.95 -27.40
CA ALA C 113 -4.50 19.63 -26.90
C ALA C 113 -6.02 19.52 -26.86
N GLU C 114 -6.67 20.66 -26.64
CA GLU C 114 -8.07 20.70 -26.45
C GLU C 114 -8.72 20.38 -27.79
N ARG C 115 -8.14 20.87 -28.86
CA ARG C 115 -8.72 20.59 -30.19
C ARG C 115 -8.71 19.09 -30.44
N VAL C 116 -7.68 18.40 -29.96
CA VAL C 116 -7.56 16.94 -30.16
C VAL C 116 -8.52 16.23 -29.20
N VAL C 117 -8.49 16.60 -27.92
CA VAL C 117 -9.37 15.94 -26.90
C VAL C 117 -10.86 16.19 -27.18
N ALA C 118 -11.20 17.33 -27.77
CA ALA C 118 -12.58 17.72 -28.11
C ALA C 118 -13.28 16.66 -28.96
N GLU C 119 -12.57 16.03 -29.91
CA GLU C 119 -13.13 14.98 -30.78
C GLU C 119 -13.82 13.88 -29.97
N GLY C 120 -13.26 13.44 -28.86
CA GLY C 120 -13.90 12.36 -28.11
C GLY C 120 -14.53 12.77 -26.79
N ALA C 121 -14.36 14.01 -26.35
CA ALA C 121 -14.94 14.40 -25.01
C ALA C 121 -15.56 15.79 -25.07
N SER C 122 -16.73 15.94 -24.42
CA SER C 122 -17.50 17.21 -24.37
C SER C 122 -17.10 18.00 -23.14
N ASN C 123 -16.54 17.28 -22.17
CA ASN C 123 -16.03 17.77 -20.89
C ASN C 123 -14.56 17.42 -20.79
N ILE C 124 -13.78 18.45 -20.42
CA ILE C 124 -12.34 18.48 -20.51
C ILE C 124 -11.79 19.15 -19.25
N VAL C 125 -10.78 18.52 -18.64
CA VAL C 125 -10.11 18.95 -17.40
C VAL C 125 -8.58 19.01 -17.61
N VAL C 126 -8.07 20.25 -17.62
CA VAL C 126 -6.64 20.50 -17.58
C VAL C 126 -6.11 20.43 -16.15
N LEU C 127 -5.10 19.59 -15.96
CA LEU C 127 -4.41 19.32 -14.71
C LEU C 127 -2.92 19.50 -14.96
N GLN C 128 -2.19 19.81 -13.89
CA GLN C 128 -0.79 20.11 -13.97
C GLN C 128 -0.04 18.83 -13.61
N GLY C 129 1.20 18.69 -14.12
CA GLY C 129 1.94 17.42 -14.06
C GLY C 129 2.86 17.31 -12.87
N ASP C 130 2.71 18.26 -11.93
CA ASP C 130 3.56 18.38 -10.72
C ASP C 130 2.76 18.20 -9.41
N LEU C 131 1.93 17.17 -9.31
CA LEU C 131 1.06 16.96 -8.13
C LEU C 131 1.34 15.61 -7.55
N PRO C 132 2.56 15.33 -7.06
CA PRO C 132 2.93 13.98 -6.69
C PRO C 132 2.24 13.34 -5.46
N ALA C 133 1.47 14.12 -4.71
CA ALA C 133 0.78 13.61 -3.51
C ALA C 133 -0.74 13.66 -3.74
N LEU C 134 -1.15 13.98 -4.97
CA LEU C 134 -2.51 13.75 -5.46
C LEU C 134 -2.95 12.33 -5.13
N GLN C 135 -4.13 12.22 -4.54
CA GLN C 135 -4.85 10.97 -4.35
C GLN C 135 -5.92 10.91 -5.43
N THR C 136 -6.17 9.70 -5.93
CA THR C 136 -7.27 9.50 -6.88
C THR C 136 -8.54 10.24 -6.43
N GLN C 137 -8.95 9.98 -5.17
CA GLN C 137 -10.21 10.52 -4.64
C GLN C 137 -10.22 12.06 -4.73
N GLU C 138 -9.06 12.72 -4.53
CA GLU C 138 -9.04 14.20 -4.52
C GLU C 138 -9.54 14.78 -5.85
N LEU C 139 -9.30 14.04 -6.96
CA LEU C 139 -9.59 14.54 -8.31
C LEU C 139 -10.98 14.08 -8.73
N ALA C 140 -11.35 12.85 -8.33
CA ALA C 140 -12.78 12.38 -8.29
C ALA C 140 -13.69 13.48 -7.71
N GLU C 141 -13.52 13.79 -6.40
CA GLU C 141 -14.35 14.77 -5.64
C GLU C 141 -14.33 16.13 -6.35
N ALA C 142 -13.16 16.49 -6.89
CA ALA C 142 -12.97 17.75 -7.59
C ALA C 142 -13.79 17.79 -8.91
N ILE C 143 -13.72 16.72 -9.71
CA ILE C 143 -14.49 16.63 -10.98
C ILE C 143 -16.00 16.63 -10.66
N SER C 144 -16.39 15.90 -9.60
CA SER C 144 -17.79 15.84 -9.10
C SER C 144 -18.37 17.25 -8.93
N ALA C 145 -17.76 18.03 -8.03
CA ALA C 145 -18.12 19.43 -7.80
C ALA C 145 -18.12 20.21 -9.13
N ALA C 146 -17.08 20.01 -9.93
CA ALA C 146 -16.85 20.73 -11.18
C ALA C 146 -18.01 20.59 -12.19
N ARG C 147 -18.76 19.46 -12.11
CA ARG C 147 -19.93 19.13 -12.99
C ARG C 147 -21.03 20.18 -12.87
N HIS C 148 -21.35 20.52 -11.61
CA HIS C 148 -22.40 21.49 -11.30
C HIS C 148 -22.05 22.89 -11.82
N HIS C 149 -20.95 23.06 -12.58
CA HIS C 149 -20.61 24.36 -13.20
C HIS C 149 -20.15 24.21 -14.65
N ARG C 150 -20.38 25.27 -15.44
CA ARG C 150 -19.81 25.44 -16.77
C ARG C 150 -18.27 25.34 -16.68
N ARG C 151 -17.61 26.25 -15.94
CA ARG C 151 -16.14 26.30 -15.85
C ARG C 151 -15.72 26.51 -14.39
N SER C 152 -15.10 25.49 -13.78
CA SER C 152 -14.62 25.56 -12.36
C SER C 152 -13.09 25.44 -12.32
N PHE C 153 -12.50 25.63 -11.12
CA PHE C 153 -11.05 25.48 -10.94
C PHE C 153 -10.70 25.32 -9.46
N VAL C 154 -9.59 24.64 -9.19
CA VAL C 154 -9.04 24.52 -7.86
C VAL C 154 -7.69 25.25 -7.80
N ALA C 155 -7.32 25.79 -6.64
CA ALA C 155 -6.06 26.57 -6.50
C ALA C 155 -5.02 25.75 -5.71
N ASP C 156 -3.83 26.30 -5.52
CA ASP C 156 -2.65 25.46 -5.27
C ASP C 156 -2.33 25.36 -3.76
N GLY C 159 -1.93 29.51 -2.76
CA GLY C 159 -3.33 29.75 -3.16
C GLY C 159 -3.54 30.82 -4.24
N THR C 160 -2.47 31.40 -4.80
CA THR C 160 -2.55 32.44 -5.89
C THR C 160 -2.66 31.86 -7.32
N GLY C 161 -2.41 30.53 -7.46
CA GLY C 161 -2.26 29.81 -8.74
C GLY C 161 -3.27 28.67 -8.91
N THR C 162 -3.29 28.08 -10.13
CA THR C 162 -4.21 26.97 -10.58
C THR C 162 -3.50 25.59 -10.56
N ALA C 163 -4.23 24.61 -9.99
CA ALA C 163 -3.86 23.23 -9.86
C ALA C 163 -4.59 22.42 -10.94
N VAL C 164 -5.82 22.87 -11.30
CA VAL C 164 -6.77 22.19 -12.25
C VAL C 164 -7.85 23.19 -12.70
N LEU C 165 -8.15 23.25 -14.00
CA LEU C 165 -9.27 23.97 -14.62
C LEU C 165 -10.19 22.94 -15.32
N CYS C 166 -11.52 23.12 -15.22
CA CYS C 166 -12.53 22.17 -15.75
C CYS C 166 -13.47 22.89 -16.71
N ALA C 167 -14.11 22.17 -17.62
CA ALA C 167 -15.01 22.84 -18.58
C ALA C 167 -15.97 21.81 -19.19
N PHE C 168 -17.26 21.96 -18.89
CA PHE C 168 -18.33 21.02 -19.27
C PHE C 168 -19.15 21.64 -20.41
N GLY C 169 -19.32 20.89 -21.48
CA GLY C 169 -19.84 21.39 -22.74
C GLY C 169 -19.50 22.85 -23.04
N THR C 170 -18.25 23.26 -22.82
CA THR C 170 -17.82 24.64 -23.10
C THR C 170 -16.29 24.69 -23.26
N ALA C 171 -15.81 25.64 -24.10
CA ALA C 171 -14.38 25.94 -24.23
C ALA C 171 -13.76 26.22 -22.86
N LEU C 172 -12.52 25.75 -22.70
CA LEU C 172 -11.73 25.83 -21.46
C LEU C 172 -11.38 27.29 -21.16
N HIS C 173 -10.99 28.03 -22.21
CA HIS C 173 -10.38 29.38 -22.11
C HIS C 173 -9.33 29.40 -21.01
N PRO C 174 -8.15 28.76 -21.21
CA PRO C 174 -7.16 28.65 -20.14
C PRO C 174 -6.42 29.99 -19.91
N ARG C 175 -6.23 30.34 -18.63
CA ARG C 175 -5.49 31.56 -18.19
C ARG C 175 -4.44 31.16 -17.13
N PHE C 176 -3.72 30.06 -17.41
CA PHE C 176 -2.66 29.57 -16.51
C PHE C 176 -1.48 30.52 -16.57
N GLY C 177 -0.82 30.69 -15.43
CA GLY C 177 0.40 31.49 -15.31
C GLY C 177 0.47 32.30 -14.01
N PRO C 178 0.93 33.57 -14.07
CA PRO C 178 0.90 34.42 -12.89
C PRO C 178 -0.55 34.88 -12.59
N ASP C 179 -0.93 34.64 -11.32
CA ASP C 179 -2.19 35.08 -10.73
C ASP C 179 -3.35 34.23 -11.21
N SER C 180 -3.07 33.01 -11.70
CA SER C 180 -4.06 32.24 -12.50
C SER C 180 -5.35 32.09 -11.70
N SER C 181 -5.22 31.71 -10.41
CA SER C 181 -6.35 31.54 -9.46
C SER C 181 -7.30 32.72 -9.63
N ALA C 182 -6.74 33.93 -9.55
CA ALA C 182 -7.45 35.20 -9.75
C ALA C 182 -7.93 35.31 -11.21
N ARG C 183 -7.01 35.09 -12.16
CA ARG C 183 -7.25 35.30 -13.61
C ARG C 183 -8.43 34.45 -14.12
N HIS C 184 -8.63 33.26 -13.54
CA HIS C 184 -9.62 32.28 -14.06
C HIS C 184 -11.02 32.69 -13.64
N ARG C 185 -11.15 32.80 -12.31
CA ARG C 185 -12.25 33.47 -11.59
C ARG C 185 -12.76 34.70 -12.37
N ARG C 186 -11.91 35.71 -12.61
CA ARG C 186 -12.32 36.92 -13.35
C ARG C 186 -13.33 36.54 -14.45
N GLY C 188 -15.46 32.82 -16.40
CA GLY C 188 -15.66 32.96 -14.96
C GLY C 188 -15.65 31.65 -14.16
N ALA C 189 -14.47 31.20 -13.77
CA ALA C 189 -14.34 29.88 -13.15
C ALA C 189 -14.70 29.89 -11.64
N VAL C 190 -15.65 29.04 -11.28
CA VAL C 190 -16.06 28.89 -9.89
C VAL C 190 -14.99 28.12 -9.08
N GLU C 191 -14.43 28.78 -8.08
CA GLU C 191 -13.50 28.17 -7.15
C GLU C 191 -14.14 27.05 -6.32
N LEU C 192 -13.79 25.80 -6.64
CA LEU C 192 -14.01 24.65 -5.78
C LEU C 192 -13.14 24.79 -4.53
N THR C 193 -13.72 24.42 -3.40
CA THR C 193 -13.22 24.88 -2.14
C THR C 193 -12.64 23.71 -1.32
N GLY C 194 -12.89 22.47 -1.74
CA GLY C 194 -12.48 21.22 -1.05
C GLY C 194 -11.04 21.27 -0.56
N ALA C 195 -10.70 20.35 0.36
CA ALA C 195 -9.41 20.34 1.09
C ALA C 195 -8.27 19.81 0.17
N TRP C 196 -8.51 18.62 -0.40
CA TRP C 196 -7.76 18.09 -1.55
C TRP C 196 -6.30 18.50 -1.47
N PRO C 197 -5.63 18.24 -0.32
CA PRO C 197 -4.29 18.75 -0.10
C PRO C 197 -3.24 18.22 -1.10
N GLY C 198 -3.49 17.01 -1.64
CA GLY C 198 -2.61 16.40 -2.67
C GLY C 198 -2.75 17.06 -4.04
N LEU C 199 -3.95 17.57 -4.31
CA LEU C 199 -4.28 18.23 -5.53
C LEU C 199 -3.78 19.67 -5.50
N ARG C 200 -3.57 20.22 -4.30
CA ARG C 200 -3.32 21.68 -4.15
C ARG C 200 -1.80 21.94 -4.09
N CYS C 201 -1.05 21.06 -3.39
CA CYS C 201 0.43 21.01 -3.31
C CYS C 201 1.00 20.61 -4.70
N ASP C 202 0.96 21.52 -5.69
CA ASP C 202 1.89 21.39 -6.84
C ASP C 202 3.33 21.72 -6.38
N VAL C 203 4.32 21.05 -7.00
CA VAL C 203 5.68 21.20 -6.58
C VAL C 203 6.41 22.03 -7.64
N ASP C 204 6.78 23.26 -7.30
CA ASP C 204 7.63 24.11 -8.12
C ASP C 204 8.98 24.37 -7.44
N THR C 205 9.00 24.41 -6.11
CA THR C 205 10.21 24.71 -5.31
C THR C 205 10.64 23.50 -4.48
N PRO C 206 11.78 23.56 -3.75
CA PRO C 206 12.26 22.46 -2.90
C PRO C 206 11.50 22.38 -1.57
N ALA C 207 10.78 23.44 -1.23
CA ALA C 207 9.95 23.50 -0.03
C ALA C 207 8.68 22.72 -0.33
N ASP C 208 8.19 22.92 -1.55
CA ASP C 208 6.96 22.25 -2.04
C ASP C 208 7.21 20.74 -1.96
N LEU C 209 8.35 20.28 -2.45
CA LEU C 209 8.67 18.84 -2.37
C LEU C 209 8.60 18.34 -0.91
N THR C 210 9.18 19.06 0.03
CA THR C 210 9.14 18.66 1.47
C THR C 210 7.71 18.71 2.02
N ALA C 211 6.86 19.61 1.52
CA ALA C 211 5.47 19.60 1.98
C ALA C 211 4.79 18.34 1.41
N ALA C 212 4.98 18.09 0.11
CA ALA C 212 4.31 17.00 -0.59
C ALA C 212 4.70 15.65 0.01
N ARG C 213 5.93 15.52 0.55
CA ARG C 213 6.32 14.24 1.17
C ARG C 213 5.59 14.03 2.51
N GLN C 214 5.15 15.12 3.16
CA GLN C 214 4.41 15.07 4.45
C GLN C 214 3.06 14.39 4.18
N LEU C 215 2.35 14.90 3.15
CA LEU C 215 1.10 14.36 2.62
C LEU C 215 1.31 12.89 2.22
N GLY C 216 2.44 12.60 1.59
CA GLY C 216 2.75 11.24 1.08
C GLY C 216 2.67 11.20 -0.45
N VAL C 217 3.80 10.87 -1.07
CA VAL C 217 3.95 11.01 -2.49
C VAL C 217 3.85 9.60 -3.07
N GLY C 218 3.55 9.51 -4.36
CA GLY C 218 3.49 8.23 -5.04
C GLY C 218 4.81 7.48 -4.91
N PRO C 219 4.85 6.19 -5.30
CA PRO C 219 6.08 5.40 -5.22
C PRO C 219 7.17 5.78 -6.23
N ALA C 220 6.79 6.52 -7.29
CA ALA C 220 7.75 6.95 -8.30
C ALA C 220 8.58 8.10 -7.70
N THR C 221 7.95 9.09 -7.05
CA THR C 221 8.78 10.24 -6.60
C THR C 221 9.58 9.84 -5.35
N ALA C 222 8.93 9.10 -4.45
CA ALA C 222 9.58 8.45 -3.33
C ALA C 222 10.89 7.78 -3.77
N ARG C 223 10.85 6.94 -4.81
CA ARG C 223 12.06 6.24 -5.31
C ARG C 223 13.15 7.23 -5.78
N ALA C 224 12.73 8.39 -6.31
CA ALA C 224 13.58 9.37 -7.03
C ALA C 224 14.34 10.26 -6.02
N VAL C 225 13.56 10.92 -5.14
CA VAL C 225 14.07 11.69 -3.97
C VAL C 225 14.83 10.75 -3.02
N ALA C 226 16.09 11.07 -2.73
CA ALA C 226 17.07 10.18 -2.10
C ALA C 226 17.55 9.13 -3.10
N HIS C 227 17.76 9.58 -4.35
CA HIS C 227 18.45 8.84 -5.39
C HIS C 227 17.75 7.51 -5.65
C1 PEP D . 3.32 -7.26 18.42
O1 PEP D . 3.25 -7.36 17.19
O2' PEP D . 2.67 -7.97 19.19
C2 PEP D . 4.23 -6.23 18.96
C3 PEP D . 4.36 -6.07 20.24
O2 PEP D . 4.82 -5.51 17.94
P PEP D . 6.34 -4.94 18.23
O1P PEP D . 6.69 -4.19 16.97
O2P PEP D . 7.25 -6.11 18.53
O3P PEP D . 6.35 -4.08 19.47
MG MG E . 6.37 -4.66 14.89
MG MG F . 6.14 -2.09 16.56
C1 PEP G . -5.84 -14.24 -4.36
O1 PEP G . -5.19 -13.78 -3.39
O2' PEP G . -6.84 -15.01 -4.27
C2 PEP G . -5.33 -13.76 -5.70
C3 PEP G . -5.88 -14.11 -6.85
O2 PEP G . -4.24 -12.93 -5.46
P PEP G . -3.65 -11.76 -6.43
O1P PEP G . -2.54 -11.20 -5.56
O2P PEP G . -4.67 -10.74 -6.69
O3P PEP G . -3.25 -12.44 -7.75
MG MG H . -2.28 -10.23 -3.61
MG MG I . -0.42 -11.56 -5.78
C1 PEP J . -0.51 28.33 -12.52
O1 PEP J . -1.26 29.10 -13.20
O2' PEP J . -0.65 28.06 -11.25
C2 PEP J . 0.63 27.62 -13.20
C3 PEP J . 0.96 27.76 -14.46
O2 PEP J . 1.26 26.78 -12.27
P PEP J . 2.84 26.69 -12.32
O1P PEP J . 3.13 28.11 -12.77
O2P PEP J . 3.27 25.67 -13.35
O3P PEP J . 3.31 26.21 -10.98
MG MG K . 2.77 26.21 -8.86
MG MG L . 3.32 24.13 -10.43
#